data_4EXW
#
_entry.id   4EXW
#
_cell.length_a   102.872
_cell.length_b   102.872
_cell.length_c   96.731
_cell.angle_alpha   90.00
_cell.angle_beta   90.00
_cell.angle_gamma   120.00
#
_symmetry.space_group_name_H-M   'P 32'
#
loop_
_entity.id
_entity.type
_entity.pdbx_description
1 polymer 'Single-stranded DNA-binding protein DdrB'
2 water water
#
_entity_poly.entity_id   1
_entity_poly.type   'polypeptide(L)'
_entity_poly.pdbx_seq_one_letter_code
;GIDPFT(MSE)LHIEFITDLGAKVTVDVESADKLLDVQRQYGRLGWTSGEVPVGGYQFPLENEPDFDWSLIGARKWTNPE
GEE(MSE)ILHRGHAYRRRELEAVDSRK(MSE)KLPAAVKYSRGAKNTDPEHVREKADGEFEYVTLAIFRGGKRQERYAV
PGSNRPQAGAPARSAATRAQGARPGAVAVQDEETPF
;
_entity_poly.pdbx_strand_id   A,B,C,D,E
#
# COMPACT_ATOMS: atom_id res chain seq x y z
N GLY A 1 -22.55 -1.45 -19.18
CA GLY A 1 -21.64 -2.54 -18.87
C GLY A 1 -21.51 -2.77 -17.38
N ILE A 2 -22.26 -2.01 -16.60
CA ILE A 2 -22.22 -2.10 -15.15
C ILE A 2 -22.83 -3.41 -14.64
N ASP A 3 -22.14 -4.06 -13.72
CA ASP A 3 -22.61 -5.31 -13.12
C ASP A 3 -23.41 -5.02 -11.85
N PRO A 4 -24.68 -5.48 -11.81
CA PRO A 4 -25.57 -5.24 -10.68
C PRO A 4 -25.21 -6.02 -9.41
N PHE A 5 -24.49 -7.14 -9.55
CA PHE A 5 -24.34 -8.07 -8.43
C PHE A 5 -22.91 -8.25 -7.90
N THR A 6 -22.04 -7.26 -8.09
CA THR A 6 -20.67 -7.36 -7.59
C THR A 6 -20.28 -6.19 -6.70
N LEU A 8 -18.02 -3.49 -4.32
CA LEU A 8 -16.84 -2.63 -4.45
C LEU A 8 -16.35 -2.21 -3.07
N HIS A 9 -15.12 -1.70 -3.01
CA HIS A 9 -14.52 -1.29 -1.74
C HIS A 9 -13.68 -0.03 -1.91
N ILE A 10 -13.95 0.98 -1.09
CA ILE A 10 -13.23 2.25 -1.18
C ILE A 10 -12.44 2.57 0.09
N GLU A 11 -11.18 2.95 -0.08
CA GLU A 11 -10.25 3.16 1.03
C GLU A 11 -10.09 4.63 1.41
N PHE A 12 -10.35 4.96 2.67
CA PHE A 12 -10.30 6.34 3.15
C PHE A 12 -9.18 6.60 4.16
N ILE A 13 -8.84 7.88 4.31
CA ILE A 13 -8.08 8.35 5.46
C ILE A 13 -9.00 9.30 6.24
N THR A 14 -9.23 9.00 7.51
CA THR A 14 -10.23 9.71 8.28
C THR A 14 -9.70 11.01 8.92
N ASP A 15 -10.55 11.65 9.71
CA ASP A 15 -10.18 12.88 10.39
C ASP A 15 -9.17 12.61 11.51
N LEU A 16 -9.15 11.38 12.01
CA LEU A 16 -8.18 10.98 13.01
C LEU A 16 -6.97 10.31 12.37
N GLY A 17 -6.89 10.37 11.05
CA GLY A 17 -5.76 9.82 10.32
C GLY A 17 -5.79 8.31 10.20
N ALA A 18 -6.90 7.70 10.59
CA ALA A 18 -7.02 6.25 10.54
C ALA A 18 -7.30 5.74 9.13
N LYS A 19 -6.84 4.52 8.86
CA LYS A 19 -7.04 3.89 7.56
C LYS A 19 -8.27 3.00 7.59
N VAL A 20 -9.32 3.43 6.88
CA VAL A 20 -10.61 2.74 6.93
C VAL A 20 -11.18 2.47 5.54
N THR A 21 -11.49 1.21 5.26
CA THR A 21 -12.08 0.83 3.97
C THR A 21 -13.59 0.58 4.12
N VAL A 22 -14.37 1.12 3.18
CA VAL A 22 -15.82 1.03 3.23
C VAL A 22 -16.40 0.18 2.11
N ASP A 23 -17.25 -0.78 2.46
CA ASP A 23 -17.89 -1.66 1.48
C ASP A 23 -19.03 -0.96 0.74
N VAL A 24 -19.17 -1.26 -0.55
CA VAL A 24 -20.22 -0.68 -1.39
C VAL A 24 -20.97 -1.77 -2.14
N GLU A 25 -22.30 -1.72 -2.10
CA GLU A 25 -23.13 -2.78 -2.69
C GLU A 25 -22.86 -3.02 -4.17
N SER A 26 -22.83 -1.95 -4.94
CA SER A 26 -22.54 -2.05 -6.38
C SER A 26 -22.00 -0.72 -6.91
N ALA A 27 -21.63 -0.72 -8.19
CA ALA A 27 -21.01 0.44 -8.82
C ALA A 27 -21.88 1.69 -8.81
N ASP A 28 -23.19 1.49 -8.90
CA ASP A 28 -24.13 2.60 -8.98
C ASP A 28 -24.35 3.33 -7.65
N LYS A 29 -23.71 2.84 -6.60
CA LYS A 29 -23.86 3.46 -5.28
C LYS A 29 -22.54 4.00 -4.75
N LEU A 30 -21.51 3.97 -5.60
CA LEU A 30 -20.18 4.44 -5.21
C LEU A 30 -20.17 5.92 -4.89
N LEU A 31 -20.74 6.73 -5.79
CA LEU A 31 -20.78 8.18 -5.62
C LEU A 31 -21.49 8.61 -4.33
N ASP A 32 -22.60 7.93 -4.02
CA ASP A 32 -23.34 8.22 -2.80
C ASP A 32 -22.47 8.01 -1.55
N VAL A 33 -21.63 6.98 -1.60
CA VAL A 33 -20.72 6.70 -0.49
C VAL A 33 -19.60 7.75 -0.43
N GLN A 34 -19.14 8.20 -1.59
CA GLN A 34 -18.08 9.19 -1.65
C GLN A 34 -18.51 10.55 -1.09
N ARG A 35 -19.74 10.95 -1.36
CA ARG A 35 -20.26 12.20 -0.85
C ARG A 35 -20.48 12.12 0.66
N GLN A 36 -20.97 10.98 1.11
CA GLN A 36 -21.31 10.78 2.52
C GLN A 36 -20.12 10.94 3.45
N TYR A 37 -19.06 10.19 3.18
CA TYR A 37 -17.87 10.25 4.02
C TYR A 37 -16.98 11.44 3.67
N GLY A 38 -17.19 11.99 2.48
CA GLY A 38 -16.50 13.20 2.07
C GLY A 38 -16.96 14.39 2.88
N ARG A 39 -18.24 14.38 3.26
CA ARG A 39 -18.82 15.46 4.06
C ARG A 39 -18.26 15.46 5.48
N LEU A 40 -17.62 14.36 5.86
CA LEU A 40 -17.02 14.24 7.20
C LEU A 40 -15.55 14.66 7.19
N GLY A 41 -15.00 14.86 6.01
CA GLY A 41 -13.62 15.27 5.86
C GLY A 41 -12.68 14.12 5.52
N TRP A 42 -13.24 12.96 5.21
CA TRP A 42 -12.43 11.81 4.83
C TRP A 42 -12.01 11.95 3.36
N THR A 43 -10.77 11.56 3.07
CA THR A 43 -10.26 11.61 1.71
C THR A 43 -9.87 10.23 1.21
N SER A 44 -9.85 10.06 -0.11
CA SER A 44 -9.45 8.80 -0.72
C SER A 44 -8.41 9.04 -1.81
N GLY A 45 -7.24 8.41 -1.64
CA GLY A 45 -6.16 8.56 -2.60
C GLY A 45 -5.36 9.83 -2.38
N GLU A 46 -4.50 10.16 -3.34
CA GLU A 46 -3.68 11.36 -3.24
C GLU A 46 -4.12 12.43 -4.23
N VAL A 47 -3.83 13.68 -3.90
CA VAL A 47 -4.06 14.77 -4.82
C VAL A 47 -3.02 14.70 -5.93
N PRO A 48 -3.47 14.54 -7.18
CA PRO A 48 -2.55 14.43 -8.32
C PRO A 48 -1.67 15.67 -8.43
N VAL A 49 -0.41 15.48 -8.83
CA VAL A 49 0.53 16.59 -8.94
C VAL A 49 0.03 17.66 -9.89
N GLY A 50 -0.16 18.86 -9.37
CA GLY A 50 -0.74 19.95 -10.14
C GLY A 50 -2.22 20.09 -9.88
N GLY A 51 -2.73 19.27 -8.98
CA GLY A 51 -4.14 19.32 -8.60
C GLY A 51 -5.05 18.54 -9.51
N TYR A 52 -6.29 18.33 -9.06
CA TYR A 52 -7.31 17.65 -9.87
C TYR A 52 -7.60 18.46 -11.13
N GLN A 53 -8.09 17.79 -12.16
CA GLN A 53 -8.45 18.45 -13.41
C GLN A 53 -9.91 18.20 -13.76
N PHE A 54 -10.70 19.27 -13.78
CA PHE A 54 -12.14 19.16 -14.03
C PHE A 54 -12.55 20.01 -15.22
N PRO A 55 -13.67 19.66 -15.87
CA PRO A 55 -14.21 20.51 -16.93
C PRO A 55 -14.52 21.92 -16.42
N LEU A 56 -14.42 22.93 -17.30
CA LEU A 56 -14.61 24.33 -16.93
C LEU A 56 -16.05 24.66 -16.48
N GLU A 57 -17.03 24.09 -17.18
CA GLU A 57 -18.44 24.38 -16.90
C GLU A 57 -18.96 23.74 -15.61
N ASN A 58 -18.07 23.18 -14.80
CA ASN A 58 -18.46 22.54 -13.54
C ASN A 58 -18.08 23.37 -12.31
N GLU A 59 -17.34 24.45 -12.53
CA GLU A 59 -16.82 25.27 -11.44
C GLU A 59 -17.85 25.93 -10.51
N PRO A 60 -18.87 26.61 -11.06
CA PRO A 60 -19.77 27.35 -10.16
C PRO A 60 -20.58 26.48 -9.19
N ASP A 61 -20.79 25.21 -9.52
CA ASP A 61 -21.56 24.34 -8.64
C ASP A 61 -20.93 22.95 -8.46
N PHE A 62 -19.64 22.93 -8.13
CA PHE A 62 -18.93 21.69 -7.90
C PHE A 62 -19.13 21.19 -6.48
N ASP A 63 -19.49 19.92 -6.34
CA ASP A 63 -19.64 19.31 -5.02
C ASP A 63 -18.28 19.01 -4.43
N TRP A 64 -17.85 19.86 -3.50
CA TRP A 64 -16.51 19.74 -2.91
C TRP A 64 -16.37 18.56 -1.96
N SER A 65 -17.49 17.94 -1.59
CA SER A 65 -17.45 16.78 -0.71
C SER A 65 -16.94 15.55 -1.44
N LEU A 66 -16.93 15.62 -2.77
CA LEU A 66 -16.42 14.52 -3.60
C LEU A 66 -14.93 14.28 -3.35
N ILE A 67 -14.24 15.30 -2.85
CA ILE A 67 -12.82 15.17 -2.50
C ILE A 67 -12.54 15.59 -1.06
N GLY A 68 -13.57 15.56 -0.23
CA GLY A 68 -13.41 15.79 1.20
C GLY A 68 -13.14 17.24 1.57
N ALA A 69 -13.67 18.17 0.79
CA ALA A 69 -13.46 19.59 1.05
C ALA A 69 -14.77 20.29 1.38
N ARG A 70 -14.68 21.53 1.85
CA ARG A 70 -15.87 22.34 2.14
C ARG A 70 -15.59 23.84 2.01
N LYS A 71 -16.61 24.59 1.64
CA LYS A 71 -16.52 26.05 1.57
C LYS A 71 -16.46 26.63 2.97
N TRP A 72 -15.74 27.73 3.12
CA TRP A 72 -15.61 28.37 4.43
C TRP A 72 -15.18 29.84 4.35
N THR A 73 -16.08 30.74 4.75
CA THR A 73 -15.76 32.16 4.85
C THR A 73 -15.03 32.44 6.16
N ASN A 74 -14.00 33.28 6.11
CA ASN A 74 -13.09 33.46 7.23
C ASN A 74 -13.22 34.83 7.93
N PRO A 75 -12.64 34.98 9.14
CA PRO A 75 -12.75 36.23 9.92
C PRO A 75 -12.50 37.52 9.13
N GLU A 76 -11.51 37.53 8.24
CA GLU A 76 -11.22 38.72 7.45
C GLU A 76 -12.28 38.96 6.38
N GLY A 77 -13.10 37.95 6.13
CA GLY A 77 -14.24 38.09 5.23
C GLY A 77 -14.08 37.39 3.90
N GLU A 78 -13.04 36.56 3.77
CA GLU A 78 -12.75 35.92 2.49
C GLU A 78 -13.32 34.51 2.40
N GLU A 79 -13.79 34.14 1.21
CA GLU A 79 -14.37 32.82 0.97
C GLU A 79 -13.31 31.82 0.54
N ILE A 81 -11.64 27.48 0.55
CA ILE A 81 -11.92 26.05 0.44
C ILE A 81 -11.00 25.30 1.41
N LEU A 82 -11.61 24.59 2.36
CA LEU A 82 -10.85 23.84 3.34
C LEU A 82 -10.63 22.40 2.91
N HIS A 83 -9.37 21.97 2.91
CA HIS A 83 -9.02 20.59 2.56
C HIS A 83 -7.85 20.12 3.43
N ARG A 84 -8.16 19.29 4.42
CA ARG A 84 -7.17 18.73 5.35
C ARG A 84 -6.41 19.79 6.14
N GLY A 85 -7.14 20.66 6.83
CA GLY A 85 -6.53 21.68 7.65
C GLY A 85 -5.74 22.70 6.85
N HIS A 86 -6.01 22.76 5.55
CA HIS A 86 -5.38 23.73 4.67
C HIS A 86 -6.46 24.59 4.04
N ALA A 87 -6.10 25.81 3.66
CA ALA A 87 -7.05 26.73 3.06
C ALA A 87 -6.57 27.19 1.69
N TYR A 88 -7.45 27.10 0.69
CA TYR A 88 -7.10 27.45 -0.68
C TYR A 88 -7.93 28.64 -1.18
N ARG A 89 -7.30 29.56 -1.90
CA ARG A 89 -7.97 30.74 -2.42
C ARG A 89 -8.32 30.60 -3.90
N ARG A 90 -9.35 31.30 -4.33
CA ARG A 90 -9.82 31.22 -5.71
C ARG A 90 -9.09 32.20 -6.63
N ARG A 91 -8.56 31.68 -7.73
CA ARG A 91 -7.88 32.50 -8.73
C ARG A 91 -8.51 32.29 -10.10
N GLU A 92 -8.44 33.31 -10.94
CA GLU A 92 -8.94 33.20 -12.31
C GLU A 92 -7.81 33.29 -13.34
N LEU A 93 -8.00 32.61 -14.46
CA LEU A 93 -7.00 32.60 -15.53
C LEU A 93 -7.64 32.93 -16.87
N GLU A 94 -7.33 34.11 -17.41
CA GLU A 94 -7.87 34.53 -18.70
C GLU A 94 -6.87 34.22 -19.82
N ALA A 95 -7.38 33.66 -20.91
CA ALA A 95 -6.56 33.18 -22.04
C ALA A 95 -5.47 34.15 -22.47
N ALA A 105 -9.55 29.80 -20.97
CA ALA A 105 -10.08 30.29 -19.70
C ALA A 105 -10.06 29.19 -18.63
N ALA A 106 -9.50 29.51 -17.47
CA ALA A 106 -9.37 28.53 -16.40
C ALA A 106 -9.63 29.13 -15.02
N VAL A 107 -9.89 28.26 -14.04
CA VAL A 107 -10.08 28.68 -12.66
C VAL A 107 -9.22 27.82 -11.74
N LYS A 108 -8.51 28.45 -10.82
CA LYS A 108 -7.52 27.75 -10.00
C LYS A 108 -7.75 27.96 -8.50
N TYR A 109 -7.63 26.87 -7.73
CA TYR A 109 -7.68 26.95 -6.28
C TYR A 109 -6.33 26.50 -5.72
N SER A 110 -5.61 27.42 -5.08
CA SER A 110 -4.28 27.12 -4.59
C SER A 110 -3.89 27.93 -3.35
N ARG A 111 -2.73 27.61 -2.79
CA ARG A 111 -2.23 28.27 -1.59
C ARG A 111 -0.72 28.37 -1.63
N GLY A 112 -0.15 29.22 -0.79
CA GLY A 112 1.29 29.36 -0.68
C GLY A 112 1.93 28.12 -0.08
N ALA A 113 3.13 27.79 -0.56
CA ALA A 113 3.86 26.62 -0.06
C ALA A 113 4.63 26.96 1.21
N LYS A 114 4.92 25.94 2.01
CA LYS A 114 5.62 26.13 3.28
C LYS A 114 6.88 25.28 3.37
N ASN A 115 7.35 25.06 4.59
CA ASN A 115 8.53 24.24 4.82
C ASN A 115 8.18 22.75 4.87
N THR A 116 7.11 22.43 5.60
CA THR A 116 6.65 21.06 5.70
C THR A 116 5.78 20.68 4.51
N ASP A 117 6.39 20.72 3.32
CA ASP A 117 5.70 20.39 2.07
C ASP A 117 6.70 20.30 0.93
N PRO A 118 7.07 19.06 0.54
CA PRO A 118 8.03 18.86 -0.56
C PRO A 118 7.35 18.80 -1.93
N GLU A 119 7.86 19.59 -2.86
CA GLU A 119 7.31 19.65 -4.21
C GLU A 119 7.57 18.33 -4.96
N GLU A 130 6.39 30.06 -4.78
CA GLU A 130 6.15 28.63 -4.61
C GLU A 130 4.70 28.37 -4.19
N TYR A 131 3.92 27.81 -5.10
CA TYR A 131 2.51 27.54 -4.83
C TYR A 131 2.15 26.08 -5.09
N VAL A 132 1.14 25.59 -4.37
CA VAL A 132 0.62 24.25 -4.57
C VAL A 132 -0.89 24.30 -4.78
N THR A 133 -1.37 23.65 -5.83
CA THR A 133 -2.78 23.77 -6.22
C THR A 133 -3.62 22.55 -5.87
N LEU A 134 -4.89 22.81 -5.55
CA LEU A 134 -5.82 21.75 -5.19
C LEU A 134 -6.62 21.28 -6.40
N ALA A 135 -7.08 22.23 -7.21
CA ALA A 135 -7.91 21.89 -8.37
C ALA A 135 -7.86 22.95 -9.46
N ILE A 136 -7.88 22.50 -10.71
CA ILE A 136 -7.93 23.39 -11.87
C ILE A 136 -9.16 23.09 -12.71
N PHE A 137 -9.94 24.13 -13.02
CA PHE A 137 -11.09 23.98 -13.89
C PHE A 137 -10.79 24.58 -15.26
N ARG A 138 -10.64 23.72 -16.27
CA ARG A 138 -10.28 24.17 -17.61
C ARG A 138 -10.75 23.21 -18.70
N GLY A 139 -11.31 23.77 -19.77
CA GLY A 139 -11.71 23.00 -20.94
C GLY A 139 -12.75 21.94 -20.67
N GLY A 140 -12.76 20.92 -21.52
CA GLY A 140 -13.64 19.77 -21.35
C GLY A 140 -15.12 20.05 -21.49
N LYS A 141 -15.91 18.98 -21.50
CA LYS A 141 -17.36 19.09 -21.54
C LYS A 141 -17.95 18.80 -20.16
N ARG A 142 -19.09 19.41 -19.88
CA ARG A 142 -19.71 19.29 -18.55
C ARG A 142 -20.14 17.87 -18.21
N GLN A 143 -19.94 17.50 -16.94
CA GLN A 143 -20.38 16.21 -16.42
C GLN A 143 -21.25 16.46 -15.19
N GLU A 144 -22.47 15.92 -15.20
CA GLU A 144 -23.48 16.27 -14.19
C GLU A 144 -23.30 15.57 -12.84
N ARG A 145 -22.48 14.52 -12.80
CA ARG A 145 -22.26 13.78 -11.55
C ARG A 145 -21.36 14.55 -10.58
N TYR A 146 -20.60 15.50 -11.12
CA TYR A 146 -19.70 16.31 -10.30
C TYR A 146 -20.45 17.43 -9.58
N ALA A 147 -21.71 17.64 -9.94
CA ALA A 147 -22.49 18.74 -9.41
C ALA A 147 -23.17 18.41 -8.09
N VAL A 148 -23.49 19.44 -7.33
CA VAL A 148 -24.24 19.29 -6.09
C VAL A 148 -25.68 18.90 -6.42
N PRO A 149 -26.17 17.83 -5.77
CA PRO A 149 -27.56 17.40 -5.94
C PRO A 149 -28.53 18.48 -5.46
N PRO B 4 -20.56 -19.08 -0.89
CA PRO B 4 -19.28 -19.41 -0.27
C PRO B 4 -18.24 -19.80 -1.32
N PHE B 5 -17.76 -18.82 -2.09
CA PHE B 5 -16.89 -19.15 -3.22
C PHE B 5 -15.58 -18.34 -3.30
N THR B 6 -14.84 -18.54 -4.40
CA THR B 6 -13.51 -17.98 -4.59
C THR B 6 -13.51 -17.01 -5.78
N LEU B 8 -11.96 -13.02 -7.59
CA LEU B 8 -10.78 -12.21 -7.83
C LEU B 8 -11.12 -10.76 -7.48
N HIS B 9 -10.10 -9.95 -7.26
CA HIS B 9 -10.29 -8.54 -6.93
C HIS B 9 -9.24 -7.68 -7.63
N ILE B 10 -9.69 -6.65 -8.33
CA ILE B 10 -8.78 -5.75 -9.03
C ILE B 10 -8.86 -4.32 -8.48
N GLU B 11 -7.69 -3.73 -8.21
CA GLU B 11 -7.61 -2.42 -7.56
C GLU B 11 -7.33 -1.30 -8.55
N PHE B 12 -8.19 -0.28 -8.55
CA PHE B 12 -8.09 0.83 -9.50
C PHE B 12 -7.76 2.16 -8.83
N ILE B 13 -7.27 3.10 -9.64
CA ILE B 13 -7.26 4.51 -9.29
C ILE B 13 -8.20 5.20 -10.28
N THR B 14 -9.19 5.90 -9.77
CA THR B 14 -10.26 6.44 -10.62
C THR B 14 -9.93 7.82 -11.21
N ASP B 15 -10.91 8.41 -11.87
CA ASP B 15 -10.77 9.74 -12.46
C ASP B 15 -10.73 10.81 -11.38
N LEU B 16 -11.28 10.50 -10.21
CA LEU B 16 -11.25 11.40 -9.08
C LEU B 16 -10.11 11.05 -8.12
N GLY B 17 -9.23 10.16 -8.56
CA GLY B 17 -8.07 9.78 -7.79
C GLY B 17 -8.35 8.84 -6.62
N ALA B 18 -9.60 8.41 -6.49
CA ALA B 18 -9.99 7.53 -5.39
C ALA B 18 -9.42 6.12 -5.55
N LYS B 19 -9.24 5.43 -4.44
CA LYS B 19 -8.75 4.05 -4.44
C LYS B 19 -9.88 3.05 -4.30
N VAL B 20 -10.26 2.43 -5.42
CA VAL B 20 -11.43 1.55 -5.47
C VAL B 20 -11.08 0.14 -5.95
N THR B 21 -11.50 -0.86 -5.19
CA THR B 21 -11.29 -2.26 -5.56
C THR B 21 -12.58 -2.89 -6.06
N VAL B 22 -12.50 -3.60 -7.19
CA VAL B 22 -13.69 -4.17 -7.83
C VAL B 22 -13.66 -5.70 -7.81
N ASP B 23 -14.77 -6.30 -7.40
CA ASP B 23 -14.89 -7.76 -7.35
C ASP B 23 -15.15 -8.37 -8.73
N VAL B 24 -14.54 -9.53 -8.97
CA VAL B 24 -14.70 -10.25 -10.24
C VAL B 24 -15.11 -11.70 -9.96
N GLU B 25 -16.13 -12.17 -10.67
CA GLU B 25 -16.70 -13.50 -10.42
C GLU B 25 -15.70 -14.64 -10.61
N SER B 26 -14.93 -14.59 -11.69
CA SER B 26 -13.92 -15.62 -11.96
C SER B 26 -12.86 -15.12 -12.94
N ALA B 27 -11.84 -15.94 -13.18
CA ALA B 27 -10.67 -15.55 -13.96
C ALA B 27 -10.98 -15.15 -15.40
N ASP B 28 -11.95 -15.81 -16.01
CA ASP B 28 -12.26 -15.55 -17.43
C ASP B 28 -13.14 -14.33 -17.64
N LYS B 29 -13.45 -13.62 -16.55
CA LYS B 29 -14.23 -12.40 -16.64
C LYS B 29 -13.39 -11.17 -16.30
N LEU B 30 -12.12 -11.40 -15.99
CA LEU B 30 -11.22 -10.31 -15.62
C LEU B 30 -11.03 -9.29 -16.74
N LEU B 31 -10.83 -9.76 -17.96
CA LEU B 31 -10.60 -8.88 -19.11
C LEU B 31 -11.76 -7.95 -19.39
N ASP B 32 -12.97 -8.48 -19.32
CA ASP B 32 -14.17 -7.68 -19.53
C ASP B 32 -14.25 -6.53 -18.54
N VAL B 33 -13.88 -6.80 -17.29
CA VAL B 33 -13.89 -5.78 -16.25
C VAL B 33 -12.82 -4.73 -16.51
N GLN B 34 -11.65 -5.18 -16.97
CA GLN B 34 -10.54 -4.28 -17.28
C GLN B 34 -10.88 -3.30 -18.41
N ARG B 35 -11.52 -3.81 -19.47
CA ARG B 35 -11.92 -2.96 -20.59
C ARG B 35 -12.99 -1.97 -20.18
N GLN B 36 -13.89 -2.42 -19.30
CA GLN B 36 -15.05 -1.63 -18.89
C GLN B 36 -14.63 -0.36 -18.13
N TYR B 37 -13.90 -0.54 -17.05
CA TYR B 37 -13.45 0.59 -16.23
C TYR B 37 -12.28 1.32 -16.88
N GLY B 38 -11.59 0.66 -17.80
CA GLY B 38 -10.52 1.28 -18.55
C GLY B 38 -11.08 2.31 -19.51
N ARG B 39 -12.29 2.08 -19.98
CA ARG B 39 -12.97 3.00 -20.87
C ARG B 39 -13.31 4.30 -20.16
N LEU B 40 -13.40 4.22 -18.83
CA LEU B 40 -13.75 5.38 -18.01
C LEU B 40 -12.52 6.18 -17.58
N GLY B 41 -11.34 5.64 -17.87
CA GLY B 41 -10.10 6.31 -17.52
C GLY B 41 -9.46 5.78 -16.25
N TRP B 42 -10.03 4.72 -15.70
CA TRP B 42 -9.47 4.11 -14.50
C TRP B 42 -8.25 3.28 -14.88
N THR B 43 -7.23 3.31 -14.03
CA THR B 43 -6.01 2.54 -14.27
C THR B 43 -5.73 1.58 -13.12
N SER B 44 -4.93 0.55 -13.38
CA SER B 44 -4.54 -0.40 -12.36
C SER B 44 -3.04 -0.62 -12.35
N GLY B 45 -2.42 -0.41 -11.20
CA GLY B 45 -0.98 -0.56 -11.06
C GLY B 45 -0.22 0.63 -11.61
N GLU B 46 1.09 0.45 -11.76
CA GLU B 46 1.95 1.52 -12.26
C GLU B 46 2.49 1.19 -13.65
N VAL B 47 2.81 2.24 -14.41
CA VAL B 47 3.47 2.06 -15.69
C VAL B 47 4.91 1.64 -15.44
N PRO B 48 5.30 0.46 -15.96
CA PRO B 48 6.67 -0.05 -15.76
C PRO B 48 7.71 0.92 -16.34
N VAL B 49 8.87 0.99 -15.68
CA VAL B 49 9.94 1.89 -16.11
C VAL B 49 10.40 1.56 -17.52
N GLY B 50 10.28 2.54 -18.41
CA GLY B 50 10.58 2.32 -19.82
C GLY B 50 9.31 1.96 -20.58
N GLY B 51 8.20 1.92 -19.85
CA GLY B 51 6.90 1.70 -20.47
C GLY B 51 6.55 0.23 -20.66
N TYR B 52 5.27 -0.01 -20.98
CA TYR B 52 4.80 -1.37 -21.27
C TYR B 52 5.53 -1.94 -22.48
N GLN B 53 5.62 -3.27 -22.52
CA GLN B 53 6.25 -3.96 -23.65
C GLN B 53 5.33 -5.00 -24.26
N PHE B 54 5.04 -4.86 -25.54
CA PHE B 54 4.09 -5.74 -26.23
C PHE B 54 4.72 -6.40 -27.45
N PRO B 55 4.02 -7.38 -28.06
CA PRO B 55 4.47 -7.88 -29.36
C PRO B 55 4.29 -6.83 -30.46
N LEU B 56 5.15 -6.87 -31.48
CA LEU B 56 5.13 -5.85 -32.54
C LEU B 56 3.88 -5.93 -33.41
N GLU B 57 3.36 -7.13 -33.61
CA GLU B 57 2.22 -7.33 -34.49
C GLU B 57 0.88 -6.99 -33.83
N ASN B 58 0.94 -6.44 -32.62
CA ASN B 58 -0.27 -6.03 -31.90
C ASN B 58 -0.53 -4.52 -31.97
N GLU B 59 0.36 -3.81 -32.67
CA GLU B 59 0.30 -2.35 -32.72
C GLU B 59 -0.89 -1.72 -33.45
N PRO B 60 -1.19 -2.16 -34.69
CA PRO B 60 -2.24 -1.44 -35.44
C PRO B 60 -3.65 -1.54 -34.85
N ASP B 61 -3.93 -2.54 -34.02
CA ASP B 61 -5.26 -2.68 -33.42
C ASP B 61 -5.22 -3.04 -31.94
N PHE B 62 -4.46 -2.25 -31.18
CA PHE B 62 -4.35 -2.47 -29.73
C PHE B 62 -5.49 -1.78 -28.98
N ASP B 63 -6.14 -2.51 -28.10
CA ASP B 63 -7.21 -1.95 -27.27
C ASP B 63 -6.61 -1.11 -26.16
N TRP B 64 -6.59 0.20 -26.34
CA TRP B 64 -5.96 1.11 -25.38
C TRP B 64 -6.70 1.20 -24.05
N SER B 65 -7.93 0.68 -24.01
CA SER B 65 -8.72 0.71 -22.80
C SER B 65 -8.19 -0.28 -21.77
N LEU B 66 -7.36 -1.23 -22.21
CA LEU B 66 -6.76 -2.21 -21.32
C LEU B 66 -5.82 -1.57 -20.31
N ILE B 67 -5.38 -0.35 -20.60
CA ILE B 67 -4.53 0.40 -19.67
C ILE B 67 -5.07 1.80 -19.41
N GLY B 68 -6.36 1.99 -19.69
CA GLY B 68 -7.04 3.23 -19.37
C GLY B 68 -6.70 4.40 -20.29
N ALA B 69 -6.37 4.08 -21.55
CA ALA B 69 -6.03 5.12 -22.52
C ALA B 69 -7.07 5.21 -23.63
N ARG B 70 -6.98 6.27 -24.44
CA ARG B 70 -7.93 6.49 -25.52
C ARG B 70 -7.31 7.26 -26.68
N LYS B 71 -7.76 6.95 -27.90
CA LYS B 71 -7.28 7.65 -29.09
C LYS B 71 -7.79 9.08 -29.14
N TRP B 72 -6.95 9.99 -29.66
CA TRP B 72 -7.29 11.40 -29.68
C TRP B 72 -6.53 12.14 -30.78
N THR B 73 -7.08 12.11 -32.00
CA THR B 73 -6.45 12.74 -33.16
C THR B 73 -6.36 14.26 -33.02
N ILE B 81 -2.47 9.73 -28.08
CA ILE B 81 -2.95 8.81 -27.04
C ILE B 81 -3.04 9.51 -25.70
N LEU B 82 -4.25 9.57 -25.14
CA LEU B 82 -4.46 10.20 -23.84
C LEU B 82 -4.39 9.19 -22.70
N HIS B 83 -3.51 9.49 -21.75
CA HIS B 83 -3.33 8.67 -20.56
C HIS B 83 -2.98 9.56 -19.38
N ARG B 84 -3.96 9.78 -18.50
CA ARG B 84 -3.79 10.53 -17.24
C ARG B 84 -3.64 12.04 -17.45
N GLY B 85 -4.38 12.59 -18.41
CA GLY B 85 -4.27 14.01 -18.71
C GLY B 85 -2.92 14.31 -19.33
N HIS B 86 -2.32 13.28 -19.91
CA HIS B 86 -1.07 13.42 -20.64
C HIS B 86 -1.32 12.98 -22.08
N ALA B 87 -0.53 13.53 -23.00
CA ALA B 87 -0.67 13.20 -24.42
C ALA B 87 0.63 12.61 -24.96
N TYR B 88 0.52 11.50 -25.68
CA TYR B 88 1.69 10.79 -26.20
C TYR B 88 1.63 10.69 -27.72
N ARG B 89 2.78 10.90 -28.36
CA ARG B 89 2.86 10.89 -29.82
C ARG B 89 3.47 9.59 -30.36
N ARG B 90 3.11 9.24 -31.59
CA ARG B 90 3.59 8.01 -32.21
C ARG B 90 4.94 8.22 -32.89
N ARG B 91 5.84 7.26 -32.70
CA ARG B 91 7.16 7.31 -33.31
C ARG B 91 7.53 5.95 -33.88
N GLU B 92 8.34 5.94 -34.94
CA GLU B 92 8.78 4.69 -35.54
C GLU B 92 10.27 4.45 -35.35
N LEU B 93 10.64 3.18 -35.20
CA LEU B 93 12.03 2.82 -34.96
C LEU B 93 12.59 1.86 -36.02
N GLU B 94 13.47 2.40 -36.87
CA GLU B 94 14.23 1.62 -37.84
C GLU B 94 15.20 2.52 -38.59
N ALA B 106 10.10 -1.32 -34.84
CA ALA B 106 9.53 -1.11 -33.51
C ALA B 106 8.79 0.23 -33.44
N VAL B 107 7.70 0.26 -32.67
CA VAL B 107 6.90 1.47 -32.54
C VAL B 107 6.93 2.00 -31.11
N LYS B 108 7.20 3.30 -30.96
CA LYS B 108 7.33 3.90 -29.64
C LYS B 108 6.32 5.03 -29.42
N TYR B 109 5.74 5.06 -28.22
CA TYR B 109 4.80 6.11 -27.84
C TYR B 109 5.35 6.86 -26.63
N SER B 110 5.80 8.10 -26.85
CA SER B 110 6.42 8.87 -25.78
C SER B 110 6.09 10.36 -25.87
N ARG B 111 6.11 11.02 -24.71
CA ARG B 111 5.90 12.45 -24.64
C ARG B 111 7.19 13.13 -24.19
N GLY B 112 7.17 14.47 -24.13
CA GLY B 112 8.31 15.22 -23.67
C GLY B 112 8.51 15.09 -22.17
N ALA B 113 9.49 15.81 -21.65
CA ALA B 113 9.75 15.78 -20.21
C ALA B 113 8.71 16.60 -19.46
N LYS B 114 8.88 16.70 -18.14
CA LYS B 114 7.99 17.50 -17.32
C LYS B 114 8.65 17.84 -15.99
N ASN B 115 8.31 19.01 -15.46
CA ASN B 115 8.87 19.46 -14.19
C ASN B 115 8.27 18.75 -12.98
N THR B 116 7.47 17.71 -13.25
CA THR B 116 6.74 17.02 -12.19
C THR B 116 6.87 15.50 -12.28
N ASP B 117 8.00 15.03 -12.78
CA ASP B 117 8.25 13.60 -12.81
C ASP B 117 9.70 13.26 -12.45
N PRO B 118 9.88 12.43 -11.41
CA PRO B 118 11.19 11.92 -10.95
C PRO B 118 12.02 11.30 -12.09
N TYR B 131 12.74 12.37 -22.22
CA TYR B 131 11.56 11.71 -22.75
C TYR B 131 11.09 10.58 -21.84
N VAL B 132 9.78 10.47 -21.64
CA VAL B 132 9.20 9.38 -20.88
C VAL B 132 8.23 8.57 -21.75
N THR B 133 8.50 7.28 -21.92
CA THR B 133 7.74 6.47 -22.87
C THR B 133 6.56 5.74 -22.23
N LEU B 134 5.50 5.52 -23.01
CA LEU B 134 4.30 4.83 -22.52
C LEU B 134 4.32 3.35 -22.89
N ALA B 135 4.33 3.06 -24.19
CA ALA B 135 4.34 1.68 -24.67
C ALA B 135 5.35 1.51 -25.79
N ILE B 136 5.99 0.35 -25.84
CA ILE B 136 6.92 0.03 -26.91
C ILE B 136 6.54 -1.29 -27.53
N PHE B 137 6.29 -1.28 -28.84
CA PHE B 137 5.96 -2.49 -29.57
C PHE B 137 7.21 -3.03 -30.24
N ARG B 138 7.56 -4.27 -29.93
CA ARG B 138 8.78 -4.87 -30.45
C ARG B 138 8.82 -6.38 -30.30
N GLY B 139 9.23 -7.08 -31.36
CA GLY B 139 9.39 -8.52 -31.32
C GLY B 139 8.17 -9.28 -30.86
N GLY B 140 8.41 -10.45 -30.27
CA GLY B 140 7.35 -11.26 -29.70
C GLY B 140 6.36 -11.81 -30.70
N LYS B 141 5.55 -12.78 -30.25
CA LYS B 141 4.49 -13.32 -31.07
C LYS B 141 3.18 -12.62 -30.74
N ARG B 142 2.43 -12.25 -31.77
CA ARG B 142 1.16 -11.53 -31.60
C ARG B 142 0.20 -12.28 -30.67
N GLN B 143 -0.52 -11.54 -29.84
CA GLN B 143 -1.40 -12.13 -28.83
C GLN B 143 -2.87 -11.84 -29.07
N GLU B 144 -3.66 -12.90 -29.02
CA GLU B 144 -5.12 -12.89 -29.13
C GLU B 144 -5.85 -11.69 -28.53
N ARG B 145 -5.83 -11.65 -27.20
CA ARG B 145 -6.69 -10.82 -26.39
C ARG B 145 -6.41 -9.32 -26.45
N TYR B 146 -5.20 -8.95 -26.85
CA TYR B 146 -4.77 -7.56 -26.84
C TYR B 146 -5.46 -6.71 -27.91
N ALA B 147 -6.19 -7.37 -28.80
CA ALA B 147 -6.86 -6.67 -29.89
C ALA B 147 -8.28 -6.24 -29.53
N VAL B 148 -8.71 -5.13 -30.11
CA VAL B 148 -10.09 -4.67 -29.98
C VAL B 148 -11.02 -5.77 -30.47
N PRO B 149 -11.95 -6.22 -29.62
CA PRO B 149 -12.83 -7.35 -29.95
C PRO B 149 -13.68 -7.07 -31.19
N GLY B 150 -13.62 -7.97 -32.15
CA GLY B 150 -14.36 -7.81 -33.40
C GLY B 150 -13.49 -7.26 -34.50
N PRO C 4 -14.85 -22.33 6.01
CA PRO C 4 -15.99 -21.49 6.40
C PRO C 4 -15.59 -20.01 6.39
N PHE C 5 -14.31 -19.78 6.64
CA PHE C 5 -13.73 -18.48 6.88
C PHE C 5 -12.27 -18.74 7.21
N THR C 6 -11.72 -19.74 6.52
CA THR C 6 -10.33 -20.14 6.68
C THR C 6 -9.61 -19.91 5.35
N LEU C 8 -7.49 -17.81 2.26
CA LEU C 8 -6.28 -17.00 2.05
C LEU C 8 -6.46 -16.13 0.82
N HIS C 9 -5.63 -15.08 0.71
CA HIS C 9 -5.68 -14.18 -0.44
C HIS C 9 -4.26 -13.82 -0.89
N ILE C 10 -3.99 -13.99 -2.18
CA ILE C 10 -2.68 -13.67 -2.74
C ILE C 10 -2.75 -12.53 -3.76
N GLU C 11 -1.87 -11.54 -3.60
CA GLU C 11 -1.89 -10.33 -4.42
C GLU C 11 -0.86 -10.39 -5.55
N PHE C 12 -1.33 -10.21 -6.78
CA PHE C 12 -0.48 -10.30 -7.97
C PHE C 12 -0.32 -8.97 -8.69
N ILE C 13 0.72 -8.90 -9.52
CA ILE C 13 0.82 -7.90 -10.57
C ILE C 13 0.80 -8.64 -11.90
N THR C 14 -0.13 -8.27 -12.78
CA THR C 14 -0.36 -9.03 -14.00
C THR C 14 0.53 -8.60 -15.16
N ASP C 15 0.31 -9.20 -16.32
CA ASP C 15 1.07 -8.86 -17.53
C ASP C 15 0.72 -7.47 -18.03
N LEU C 16 -0.47 -6.99 -17.68
CA LEU C 16 -0.89 -5.64 -18.02
C LEU C 16 -0.59 -4.67 -16.87
N GLY C 17 0.14 -5.17 -15.88
CA GLY C 17 0.54 -4.36 -14.74
C GLY C 17 -0.57 -4.17 -13.73
N ALA C 18 -1.72 -4.78 -13.99
CA ALA C 18 -2.88 -4.64 -13.11
C ALA C 18 -2.65 -5.26 -11.73
N LYS C 19 -3.39 -4.78 -10.73
CA LYS C 19 -3.19 -5.20 -9.34
C LYS C 19 -4.34 -6.11 -8.92
N VAL C 20 -4.14 -7.43 -9.07
CA VAL C 20 -5.22 -8.39 -8.88
C VAL C 20 -4.97 -9.36 -7.73
N THR C 21 -5.93 -9.44 -6.81
CA THR C 21 -5.86 -10.36 -5.67
C THR C 21 -6.73 -11.59 -5.92
N VAL C 22 -6.18 -12.76 -5.67
CA VAL C 22 -6.86 -14.02 -5.95
C VAL C 22 -7.18 -14.80 -4.67
N ASP C 23 -8.44 -15.18 -4.52
CA ASP C 23 -8.88 -15.95 -3.34
C ASP C 23 -8.42 -17.40 -3.41
N VAL C 24 -8.04 -17.94 -2.26
CA VAL C 24 -7.60 -19.32 -2.16
C VAL C 24 -8.40 -20.05 -1.07
N GLU C 25 -8.91 -21.24 -1.40
CA GLU C 25 -9.77 -21.98 -0.49
C GLU C 25 -9.12 -22.30 0.85
N SER C 26 -7.89 -22.79 0.82
CA SER C 26 -7.14 -23.11 2.04
C SER C 26 -5.63 -23.17 1.78
N ALA C 27 -4.87 -23.35 2.86
CA ALA C 27 -3.41 -23.27 2.80
C ALA C 27 -2.76 -24.27 1.84
N ASP C 28 -3.30 -25.48 1.76
CA ASP C 28 -2.70 -26.53 0.93
C ASP C 28 -3.02 -26.40 -0.56
N LYS C 29 -3.73 -25.34 -0.93
CA LYS C 29 -4.01 -25.08 -2.34
C LYS C 29 -3.28 -23.83 -2.83
N LEU C 30 -2.49 -23.23 -1.95
CA LEU C 30 -1.77 -22.00 -2.27
C LEU C 30 -0.76 -22.16 -3.40
N LEU C 31 0.07 -23.19 -3.31
CA LEU C 31 1.12 -23.41 -4.31
C LEU C 31 0.55 -23.72 -5.71
N ASP C 32 -0.59 -24.40 -5.74
CA ASP C 32 -1.26 -24.69 -7.01
C ASP C 32 -1.66 -23.40 -7.70
N VAL C 33 -2.15 -22.45 -6.90
CA VAL C 33 -2.58 -21.15 -7.42
C VAL C 33 -1.37 -20.34 -7.89
N GLN C 34 -0.26 -20.43 -7.16
CA GLN C 34 0.95 -19.71 -7.52
C GLN C 34 1.53 -20.16 -8.87
N ARG C 35 1.59 -21.47 -9.08
CA ARG C 35 2.08 -22.01 -10.35
C ARG C 35 1.16 -21.62 -11.49
N GLN C 36 -0.15 -21.69 -11.23
CA GLN C 36 -1.17 -21.45 -12.24
C GLN C 36 -1.10 -20.05 -12.84
N TYR C 37 -0.99 -19.04 -11.98
CA TYR C 37 -0.93 -17.65 -12.45
C TYR C 37 0.50 -17.21 -12.77
N GLY C 38 1.48 -17.92 -12.21
CA GLY C 38 2.87 -17.67 -12.54
C GLY C 38 3.17 -18.13 -13.95
N ARG C 39 2.39 -19.10 -14.41
CA ARG C 39 2.51 -19.64 -15.77
C ARG C 39 2.10 -18.59 -16.80
N LEU C 40 1.35 -17.58 -16.36
CA LEU C 40 0.89 -16.53 -17.24
C LEU C 40 1.81 -15.30 -17.20
N GLY C 41 2.74 -15.30 -16.26
CA GLY C 41 3.67 -14.19 -16.12
C GLY C 41 3.33 -13.25 -14.96
N TRP C 42 2.36 -13.65 -14.15
CA TRP C 42 1.98 -12.86 -12.97
C TRP C 42 2.98 -13.11 -11.84
N THR C 43 3.33 -12.06 -11.11
CA THR C 43 4.25 -12.19 -9.97
C THR C 43 3.61 -11.65 -8.70
N SER C 44 4.15 -12.07 -7.55
CA SER C 44 3.65 -11.61 -6.26
C SER C 44 4.78 -11.14 -5.36
N GLY C 45 4.69 -9.90 -4.90
CA GLY C 45 5.71 -9.32 -4.05
C GLY C 45 6.89 -8.79 -4.85
N GLU C 46 7.97 -8.47 -4.14
CA GLU C 46 9.17 -7.94 -4.77
C GLU C 46 10.30 -8.95 -4.74
N VAL C 47 11.24 -8.81 -5.67
CA VAL C 47 12.44 -9.62 -5.66
C VAL C 47 13.36 -9.10 -4.54
N PRO C 48 13.71 -9.96 -3.59
CA PRO C 48 14.56 -9.56 -2.47
C PRO C 48 15.93 -9.09 -2.95
N VAL C 49 16.53 -8.14 -2.21
CA VAL C 49 17.82 -7.60 -2.57
C VAL C 49 18.89 -8.69 -2.66
N GLY C 50 19.51 -8.82 -3.82
CA GLY C 50 20.48 -9.86 -4.05
C GLY C 50 19.83 -11.13 -4.58
N GLY C 51 18.55 -11.02 -4.95
CA GLY C 51 17.82 -12.13 -5.54
C GLY C 51 17.31 -13.14 -4.53
N TYR C 52 16.40 -14.00 -4.98
CA TYR C 52 15.88 -15.08 -4.15
C TYR C 52 16.99 -16.01 -3.72
N GLN C 53 16.78 -16.73 -2.62
CA GLN C 53 17.77 -17.68 -2.13
C GLN C 53 17.17 -19.08 -2.01
N PHE C 54 17.70 -20.01 -2.80
CA PHE C 54 17.19 -21.38 -2.82
C PHE C 54 18.32 -22.37 -2.54
N PRO C 55 17.97 -23.57 -2.06
CA PRO C 55 18.96 -24.64 -1.85
C PRO C 55 19.68 -25.01 -3.14
N LEU C 56 20.95 -25.40 -3.03
CA LEU C 56 21.77 -25.71 -4.18
C LEU C 56 21.26 -26.89 -4.99
N GLU C 57 20.74 -27.90 -4.29
CA GLU C 57 20.27 -29.13 -4.94
C GLU C 57 18.93 -28.96 -5.64
N ASN C 58 18.41 -27.73 -5.66
CA ASN C 58 17.13 -27.45 -6.31
C ASN C 58 17.27 -26.81 -7.68
N GLU C 59 18.51 -26.60 -8.12
CA GLU C 59 18.77 -25.87 -9.36
C GLU C 59 18.38 -26.56 -10.67
N PRO C 60 18.77 -27.84 -10.87
CA PRO C 60 18.51 -28.44 -12.20
C PRO C 60 17.04 -28.60 -12.56
N ASP C 61 16.14 -28.66 -11.58
CA ASP C 61 14.71 -28.81 -11.87
C ASP C 61 13.82 -27.88 -11.04
N PHE C 62 14.13 -26.59 -11.08
CA PHE C 62 13.34 -25.59 -10.35
C PHE C 62 12.15 -25.12 -11.20
N ASP C 63 10.97 -25.11 -10.60
CA ASP C 63 9.78 -24.62 -11.28
C ASP C 63 9.79 -23.10 -11.29
N TRP C 64 10.18 -22.53 -12.42
CA TRP C 64 10.31 -21.08 -12.55
C TRP C 64 8.98 -20.34 -12.53
N SER C 65 7.88 -21.09 -12.66
CA SER C 65 6.55 -20.47 -12.65
C SER C 65 6.17 -20.05 -11.23
N LEU C 66 6.90 -20.54 -10.24
CA LEU C 66 6.65 -20.17 -8.85
C LEU C 66 6.95 -18.68 -8.61
N ILE C 67 7.73 -18.08 -9.50
CA ILE C 67 8.03 -16.66 -9.40
C ILE C 67 7.73 -15.91 -10.70
N GLY C 68 6.90 -16.52 -11.55
CA GLY C 68 6.44 -15.89 -12.78
C GLY C 68 7.47 -15.82 -13.88
N ALA C 69 8.39 -16.78 -13.92
CA ALA C 69 9.45 -16.81 -14.92
C ALA C 69 9.32 -18.03 -15.85
N ARG C 70 10.03 -17.99 -16.98
CA ARG C 70 10.04 -19.11 -17.92
C ARG C 70 11.37 -19.23 -18.66
N LYS C 71 11.72 -20.46 -19.06
CA LYS C 71 12.94 -20.71 -19.81
C LYS C 71 12.74 -20.31 -21.27
N TRP C 72 13.80 -19.86 -21.94
CA TRP C 72 13.66 -19.33 -23.30
C TRP C 72 14.99 -19.20 -24.04
N THR C 73 15.03 -19.68 -25.29
CA THR C 73 16.30 -19.81 -26.03
C THR C 73 16.41 -18.89 -27.27
N ASN C 74 17.61 -18.40 -27.53
CA ASN C 74 17.84 -17.31 -28.46
C ASN C 74 18.65 -17.79 -29.65
N PRO C 75 18.91 -16.89 -30.62
CA PRO C 75 19.97 -17.23 -31.58
C PRO C 75 21.36 -17.11 -30.94
N GLU C 78 20.85 -19.12 -27.17
CA GLU C 78 21.30 -19.11 -25.78
C GLU C 78 20.12 -19.32 -24.84
N GLU C 79 20.26 -20.26 -23.91
CA GLU C 79 19.20 -20.56 -22.96
C GLU C 79 19.10 -19.50 -21.87
N ILE C 81 16.44 -16.99 -19.01
CA ILE C 81 15.30 -16.98 -18.10
C ILE C 81 14.57 -15.64 -18.18
N LEU C 82 13.32 -15.67 -18.63
CA LEU C 82 12.54 -14.46 -18.80
C LEU C 82 11.72 -14.11 -17.56
N HIS C 83 11.95 -12.92 -17.02
CA HIS C 83 11.22 -12.44 -15.86
C HIS C 83 10.94 -10.94 -15.99
N ARG C 84 9.71 -10.61 -16.37
CA ARG C 84 9.24 -9.23 -16.54
C ARG C 84 9.89 -8.50 -17.72
N GLY C 85 9.90 -9.11 -18.89
CA GLY C 85 10.52 -8.51 -20.06
C GLY C 85 12.01 -8.31 -19.84
N HIS C 86 12.58 -9.11 -18.95
CA HIS C 86 14.01 -9.10 -18.69
C HIS C 86 14.58 -10.49 -18.94
N ALA C 87 15.85 -10.55 -19.33
CA ALA C 87 16.49 -11.83 -19.58
C ALA C 87 17.70 -12.01 -18.67
N TYR C 88 17.79 -13.18 -18.04
CA TYR C 88 18.88 -13.47 -17.12
C TYR C 88 19.70 -14.66 -17.62
N ARG C 89 21.02 -14.53 -17.55
CA ARG C 89 21.92 -15.60 -17.99
C ARG C 89 22.40 -16.44 -16.82
N ARG C 90 22.76 -17.70 -17.09
CA ARG C 90 23.20 -18.61 -16.05
C ARG C 90 24.69 -18.49 -15.78
N ARG C 91 25.06 -18.45 -14.50
CA ARG C 91 26.45 -18.33 -14.09
C ARG C 91 26.82 -19.41 -13.09
N GLU C 92 28.06 -19.87 -13.15
CA GLU C 92 28.56 -20.85 -12.19
C GLU C 92 29.60 -20.23 -11.27
N LEU C 93 29.41 -20.41 -9.97
CA LEU C 93 30.34 -19.90 -8.97
C LEU C 93 31.02 -21.05 -8.23
N GLU C 94 32.34 -20.95 -8.06
CA GLU C 94 33.11 -21.99 -7.40
C GLU C 94 33.79 -21.48 -6.13
N PRO C 104 31.59 -23.11 -1.02
CA PRO C 104 30.50 -23.93 -1.55
C PRO C 104 30.12 -23.51 -2.97
N ALA C 105 29.67 -24.47 -3.77
CA ALA C 105 29.26 -24.19 -5.13
C ALA C 105 27.97 -23.37 -5.16
N ALA C 106 27.78 -22.61 -6.23
CA ALA C 106 26.58 -21.78 -6.37
C ALA C 106 26.27 -21.48 -7.83
N VAL C 107 24.98 -21.26 -8.12
CA VAL C 107 24.55 -20.90 -9.46
C VAL C 107 23.71 -19.63 -9.41
N LYS C 108 24.18 -18.57 -10.06
CA LYS C 108 23.49 -17.29 -10.04
C LYS C 108 22.86 -16.95 -11.39
N TYR C 109 21.76 -16.18 -11.35
CA TYR C 109 21.10 -15.71 -12.57
C TYR C 109 21.07 -14.19 -12.58
N SER C 110 21.86 -13.59 -13.46
CA SER C 110 22.07 -12.15 -13.41
C SER C 110 21.85 -11.44 -14.75
N ARG C 111 21.89 -10.12 -14.70
CA ARG C 111 21.81 -9.29 -15.89
C ARG C 111 22.54 -7.98 -15.61
N GLY C 112 22.74 -7.19 -16.66
CA GLY C 112 23.41 -5.90 -16.54
C GLY C 112 22.48 -4.84 -15.96
N ALA C 113 23.03 -3.99 -15.11
CA ALA C 113 22.28 -2.92 -14.47
C ALA C 113 21.79 -1.89 -15.47
N LYS C 114 20.93 -0.98 -15.03
CA LYS C 114 20.28 0.03 -15.87
C LYS C 114 19.31 -0.57 -16.89
N THR C 116 16.08 3.68 -14.60
CA THR C 116 15.89 2.25 -14.81
C THR C 116 16.90 1.44 -14.01
N ASP C 117 17.65 2.16 -13.18
CA ASP C 117 18.68 1.55 -12.35
C ASP C 117 18.47 1.84 -10.87
N PRO C 118 17.36 1.39 -10.27
CA PRO C 118 17.29 1.64 -8.83
C PRO C 118 18.26 0.78 -8.05
N GLU C 119 19.21 1.42 -7.39
CA GLU C 119 20.24 0.73 -6.63
C GLU C 119 19.67 0.07 -5.39
N GLU C 130 27.06 -3.15 -11.44
CA GLU C 130 27.35 -3.66 -12.78
C GLU C 130 26.57 -4.94 -13.04
N TYR C 131 25.77 -5.35 -12.05
CA TYR C 131 24.96 -6.56 -12.16
C TYR C 131 23.83 -6.60 -11.14
N VAL C 132 22.70 -7.17 -11.54
CA VAL C 132 21.55 -7.38 -10.65
C VAL C 132 21.00 -8.80 -10.80
N THR C 133 20.90 -9.51 -9.68
CA THR C 133 20.59 -10.94 -9.71
C THR C 133 19.12 -11.28 -9.42
N LEU C 134 18.63 -12.32 -10.10
CA LEU C 134 17.26 -12.79 -9.92
C LEU C 134 17.18 -13.89 -8.89
N ALA C 135 18.12 -14.84 -8.94
CA ALA C 135 18.11 -15.97 -8.02
C ALA C 135 19.50 -16.56 -7.82
N ILE C 136 19.77 -17.01 -6.59
CA ILE C 136 21.03 -17.66 -6.26
C ILE C 136 20.78 -19.01 -5.59
N PHE C 137 21.42 -20.06 -6.12
CA PHE C 137 21.28 -21.40 -5.57
C PHE C 137 22.55 -21.80 -4.82
N ARG C 138 22.48 -21.85 -3.49
CA ARG C 138 23.65 -22.22 -2.70
C ARG C 138 23.28 -22.78 -1.33
N GLY C 139 23.98 -23.85 -0.93
CA GLY C 139 23.79 -24.46 0.38
C GLY C 139 22.40 -25.02 0.59
N GLY C 140 22.01 -25.14 1.87
CA GLY C 140 20.68 -25.58 2.23
C GLY C 140 20.37 -27.02 1.89
N LYS C 141 19.26 -27.53 2.43
CA LYS C 141 18.77 -28.85 2.09
C LYS C 141 17.64 -28.73 1.08
N ARG C 142 17.52 -29.72 0.21
CA ARG C 142 16.54 -29.69 -0.88
C ARG C 142 15.10 -29.65 -0.37
N GLN C 143 14.24 -28.92 -1.07
CA GLN C 143 12.81 -28.86 -0.76
C GLN C 143 12.02 -29.27 -2.01
N GLU C 144 11.18 -30.29 -1.87
CA GLU C 144 10.48 -30.89 -3.00
C GLU C 144 9.48 -29.95 -3.68
N ARG C 145 8.79 -29.14 -2.88
CA ARG C 145 7.75 -28.25 -3.39
C ARG C 145 8.24 -27.24 -4.43
N TYR C 146 9.55 -27.00 -4.45
CA TYR C 146 10.14 -26.04 -5.38
C TYR C 146 10.37 -26.66 -6.76
N ALA C 147 10.17 -27.98 -6.87
CA ALA C 147 10.45 -28.69 -8.11
C ALA C 147 9.24 -28.80 -9.02
N VAL C 148 9.51 -28.99 -10.32
CA VAL C 148 8.46 -29.20 -11.30
C VAL C 148 7.76 -30.52 -11.01
N PRO C 149 6.43 -30.48 -10.83
CA PRO C 149 5.63 -31.67 -10.49
C PRO C 149 5.70 -32.75 -11.56
N PHE D 5 -20.26 -12.26 8.84
CA PHE D 5 -19.98 -11.84 10.21
C PHE D 5 -18.61 -11.14 10.22
N THR D 6 -18.14 -10.74 11.41
CA THR D 6 -16.94 -9.92 11.53
C THR D 6 -15.69 -10.74 11.89
N LEU D 8 -10.93 -10.79 11.54
CA LEU D 8 -9.67 -10.06 11.46
C LEU D 8 -8.86 -10.60 10.27
N HIS D 9 -7.90 -9.80 9.81
CA HIS D 9 -7.06 -10.19 8.69
C HIS D 9 -5.62 -9.77 8.93
N ILE D 10 -4.68 -10.70 8.76
CA ILE D 10 -3.26 -10.37 8.93
C ILE D 10 -2.48 -10.58 7.63
N GLU D 11 -1.65 -9.59 7.28
CA GLU D 11 -0.92 -9.59 6.02
C GLU D 11 0.53 -10.06 6.19
N PHE D 12 0.92 -11.06 5.42
CA PHE D 12 2.25 -11.65 5.52
C PHE D 12 3.09 -11.47 4.26
N ILE D 13 4.41 -11.59 4.43
CA ILE D 13 5.32 -11.83 3.31
C ILE D 13 5.89 -13.23 3.51
N THR D 14 5.76 -14.08 2.50
CA THR D 14 6.12 -15.49 2.64
C THR D 14 7.58 -15.76 2.33
N ASP D 15 7.97 -17.03 2.41
CA ASP D 15 9.34 -17.45 2.12
C ASP D 15 9.68 -17.26 0.64
N LEU D 16 8.66 -17.24 -0.21
CA LEU D 16 8.84 -16.98 -1.63
C LEU D 16 8.62 -15.52 -1.96
N GLY D 17 8.49 -14.70 -0.91
CA GLY D 17 8.33 -13.25 -1.06
C GLY D 17 6.93 -12.82 -1.45
N ALA D 18 6.01 -13.78 -1.54
CA ALA D 18 4.64 -13.49 -1.96
C ALA D 18 3.86 -12.70 -0.90
N LYS D 19 2.86 -11.96 -1.36
CA LYS D 19 2.04 -11.12 -0.49
C LYS D 19 0.73 -11.83 -0.18
N VAL D 20 0.66 -12.45 0.99
CA VAL D 20 -0.49 -13.29 1.34
C VAL D 20 -1.17 -12.86 2.64
N THR D 21 -2.47 -12.61 2.55
CA THR D 21 -3.26 -12.21 3.71
C THR D 21 -4.06 -13.39 4.24
N VAL D 22 -4.02 -13.59 5.56
CA VAL D 22 -4.68 -14.74 6.19
C VAL D 22 -5.84 -14.32 7.09
N ASP D 23 -6.99 -14.96 6.89
CA ASP D 23 -8.19 -14.67 7.68
C ASP D 23 -8.13 -15.27 9.10
N VAL D 24 -8.63 -14.53 10.07
CA VAL D 24 -8.65 -14.97 11.47
C VAL D 24 -10.06 -14.80 12.06
N GLU D 25 -10.54 -15.84 12.73
CA GLU D 25 -11.92 -15.87 13.25
C GLU D 25 -12.23 -14.78 14.28
N SER D 26 -11.34 -14.57 15.23
CA SER D 26 -11.54 -13.54 16.25
C SER D 26 -10.23 -13.14 16.94
N ALA D 27 -10.30 -12.08 17.75
CA ALA D 27 -9.13 -11.45 18.34
C ALA D 27 -8.24 -12.37 19.18
N ASP D 28 -8.87 -13.29 19.91
CA ASP D 28 -8.13 -14.19 20.81
C ASP D 28 -7.30 -15.24 20.08
N LYS D 29 -7.37 -15.26 18.75
CA LYS D 29 -6.65 -16.25 17.96
C LYS D 29 -5.59 -15.62 17.07
N LEU D 30 -5.40 -14.31 17.16
CA LEU D 30 -4.40 -13.63 16.35
C LEU D 30 -3.00 -14.20 16.59
N LEU D 31 -2.62 -14.31 17.86
CA LEU D 31 -1.29 -14.81 18.21
C LEU D 31 -1.06 -16.26 17.78
N ASP D 32 -2.09 -17.10 17.89
CA ASP D 32 -1.99 -18.48 17.44
C ASP D 32 -1.63 -18.55 15.96
N VAL D 33 -2.28 -17.71 15.16
CA VAL D 33 -2.00 -17.65 13.74
C VAL D 33 -0.62 -17.04 13.45
N GLN D 34 -0.22 -16.09 14.29
CA GLN D 34 1.11 -15.47 14.15
C GLN D 34 2.24 -16.46 14.39
N ARG D 35 2.13 -17.26 15.45
CA ARG D 35 3.14 -18.27 15.76
C ARG D 35 3.18 -19.33 14.67
N GLN D 36 2.00 -19.67 14.16
CA GLN D 36 1.86 -20.72 13.16
C GLN D 36 2.61 -20.43 11.87
N TYR D 37 2.34 -19.26 11.27
CA TYR D 37 3.00 -18.89 10.03
C TYR D 37 4.39 -18.31 10.27
N GLY D 38 4.64 -17.84 11.48
CA GLY D 38 5.96 -17.37 11.85
C GLY D 38 6.93 -18.53 11.91
N ARG D 39 6.41 -19.71 12.22
CA ARG D 39 7.20 -20.94 12.27
C ARG D 39 7.70 -21.33 10.87
N LEU D 40 7.04 -20.80 9.85
CA LEU D 40 7.39 -21.12 8.47
C LEU D 40 8.32 -20.06 7.85
N GLY D 41 8.58 -19.00 8.61
CA GLY D 41 9.46 -17.94 8.12
C GLY D 41 8.70 -16.75 7.57
N TRP D 42 7.38 -16.74 7.72
CA TRP D 42 6.57 -15.64 7.25
C TRP D 42 6.63 -14.49 8.26
N THR D 43 6.72 -13.26 7.75
CA THR D 43 6.74 -12.08 8.63
C THR D 43 5.56 -11.17 8.33
N SER D 44 5.26 -10.29 9.27
CA SER D 44 4.19 -9.31 9.09
C SER D 44 4.63 -7.91 9.51
N GLY D 45 4.63 -6.99 8.55
CA GLY D 45 5.04 -5.63 8.81
C GLY D 45 6.54 -5.46 8.72
N GLU D 46 7.03 -4.28 9.09
CA GLU D 46 8.46 -3.99 9.00
C GLU D 46 9.12 -3.97 10.37
N VAL D 47 10.42 -4.27 10.40
CA VAL D 47 11.20 -4.15 11.62
C VAL D 47 11.39 -2.67 11.92
N PRO D 48 10.95 -2.22 13.11
CA PRO D 48 11.05 -0.80 13.48
C PRO D 48 12.50 -0.34 13.55
N VAL D 49 12.75 0.91 13.15
CA VAL D 49 14.10 1.46 13.15
C VAL D 49 14.73 1.40 14.52
N GLY D 50 15.81 0.62 14.64
CA GLY D 50 16.46 0.41 15.92
C GLY D 50 16.03 -0.92 16.52
N GLY D 51 15.28 -1.69 15.75
CA GLY D 51 14.83 -3.01 16.18
C GLY D 51 13.63 -2.97 17.11
N TYR D 52 13.01 -4.13 17.31
CA TYR D 52 11.89 -4.25 18.25
C TYR D 52 12.37 -3.94 19.67
N GLN D 53 11.44 -3.54 20.53
CA GLN D 53 11.77 -3.22 21.91
C GLN D 53 10.90 -4.04 22.88
N PHE D 54 11.50 -5.02 23.53
CA PHE D 54 10.78 -5.90 24.46
C PHE D 54 11.27 -5.68 25.89
N PRO D 55 10.46 -6.06 26.89
CA PRO D 55 10.88 -5.96 28.29
C PRO D 55 12.08 -6.87 28.57
N LEU D 56 12.92 -6.45 29.51
CA LEU D 56 14.16 -7.16 29.83
C LEU D 56 13.93 -8.59 30.31
N GLU D 57 12.91 -8.78 31.14
CA GLU D 57 12.65 -10.09 31.74
C GLU D 57 12.03 -11.10 30.76
N ASN D 58 11.94 -10.73 29.49
CA ASN D 58 11.37 -11.61 28.48
C ASN D 58 12.41 -12.25 27.56
N GLU D 59 13.68 -11.97 27.83
CA GLU D 59 14.77 -12.41 26.96
C GLU D 59 15.10 -13.91 26.97
N PRO D 60 15.22 -14.54 28.15
CA PRO D 60 15.67 -15.94 28.14
C PRO D 60 14.71 -16.93 27.48
N ASP D 61 13.42 -16.61 27.39
CA ASP D 61 12.45 -17.51 26.77
C ASP D 61 11.48 -16.81 25.82
N PHE D 62 12.02 -16.03 24.90
CA PHE D 62 11.20 -15.31 23.92
C PHE D 62 10.87 -16.20 22.73
N ASP D 63 9.59 -16.22 22.35
CA ASP D 63 9.15 -16.99 21.20
C ASP D 63 9.51 -16.24 19.92
N TRP D 64 10.59 -16.66 19.28
CA TRP D 64 11.11 -15.96 18.09
C TRP D 64 10.22 -16.14 16.85
N SER D 65 9.28 -17.08 16.92
CA SER D 65 8.37 -17.30 15.80
C SER D 65 7.34 -16.19 15.70
N LEU D 66 7.19 -15.42 16.77
CA LEU D 66 6.28 -14.27 16.79
C LEU D 66 6.68 -13.22 15.76
N ILE D 67 7.95 -13.22 15.35
CA ILE D 67 8.43 -12.29 14.34
C ILE D 67 9.10 -13.00 13.18
N GLY D 68 8.85 -14.30 13.04
CA GLY D 68 9.33 -15.08 11.92
C GLY D 68 10.79 -15.48 12.01
N ALA D 69 11.31 -15.57 13.22
CA ALA D 69 12.71 -15.92 13.42
C ALA D 69 12.89 -17.30 14.04
N ARG D 70 14.11 -17.82 14.00
CA ARG D 70 14.42 -19.12 14.58
C ARG D 70 15.85 -19.17 15.10
N LYS D 71 16.06 -19.90 16.19
CA LYS D 71 17.39 -20.10 16.74
C LYS D 71 18.17 -21.07 15.85
N TRP D 72 19.47 -20.85 15.74
CA TRP D 72 20.32 -21.69 14.90
C TRP D 72 21.79 -21.61 15.28
N THR D 73 22.35 -22.76 15.65
CA THR D 73 23.76 -22.85 15.99
C THR D 73 24.58 -23.34 14.80
N ASN D 74 25.81 -22.83 14.67
CA ASN D 74 26.69 -23.25 13.58
C ASN D 74 27.87 -24.07 14.09
N GLU D 79 25.56 -19.91 18.52
CA GLU D 79 24.11 -19.77 18.69
C GLU D 79 23.62 -18.45 18.11
N ILE D 81 20.51 -16.15 15.57
CA ILE D 81 19.09 -15.96 15.30
C ILE D 81 18.89 -15.66 13.82
N LEU D 82 18.17 -16.54 13.13
CA LEU D 82 17.93 -16.36 11.70
C LEU D 82 16.65 -15.59 11.43
N HIS D 83 16.79 -14.49 10.71
CA HIS D 83 15.62 -13.68 10.33
C HIS D 83 15.82 -13.11 8.94
N ARG D 84 15.36 -13.87 7.96
CA ARG D 84 15.39 -13.52 6.53
C ARG D 84 16.71 -13.78 5.80
N GLY D 85 17.32 -14.95 6.01
CA GLY D 85 18.61 -15.23 5.40
C GLY D 85 19.66 -14.29 5.96
N HIS D 86 19.37 -13.76 7.15
CA HIS D 86 20.30 -12.91 7.88
C HIS D 86 20.54 -13.56 9.23
N ALA D 87 21.73 -13.36 9.79
CA ALA D 87 22.07 -13.95 11.08
C ALA D 87 22.45 -12.87 12.08
N TYR D 88 21.88 -12.96 13.28
CA TYR D 88 22.13 -11.97 14.32
C TYR D 88 22.78 -12.61 15.54
N ARG D 89 23.76 -11.91 16.12
CA ARG D 89 24.49 -12.43 17.27
C ARG D 89 24.04 -11.75 18.57
N ARG D 90 24.17 -12.46 19.67
CA ARG D 90 23.74 -11.93 20.97
C ARG D 90 24.83 -11.07 21.60
N ARG D 91 24.41 -9.94 22.18
CA ARG D 91 25.34 -9.02 22.84
C ARG D 91 24.77 -8.54 24.17
N GLU D 92 25.64 -8.26 25.13
CA GLU D 92 25.21 -7.82 26.45
C GLU D 92 25.57 -6.35 26.69
N PRO D 104 20.87 1.19 32.83
CA PRO D 104 20.24 -0.12 32.97
C PRO D 104 20.81 -1.17 32.02
N ALA D 105 20.92 -2.40 32.48
CA ALA D 105 21.45 -3.49 31.67
C ALA D 105 20.55 -3.78 30.48
N ALA D 106 21.11 -4.37 29.43
CA ALA D 106 20.36 -4.66 28.21
C ALA D 106 21.00 -5.75 27.38
N VAL D 107 20.19 -6.42 26.56
CA VAL D 107 20.68 -7.44 25.64
C VAL D 107 20.29 -7.07 24.21
N LYS D 108 21.25 -7.17 23.29
CA LYS D 108 21.01 -6.79 21.89
C LYS D 108 21.34 -7.92 20.92
N TYR D 109 20.55 -8.01 19.85
CA TYR D 109 20.78 -8.96 18.78
C TYR D 109 21.05 -8.20 17.48
N SER D 110 22.28 -8.26 16.99
CA SER D 110 22.67 -7.39 15.88
C SER D 110 23.59 -8.03 14.84
N ARG D 111 23.93 -7.22 13.83
CA ARG D 111 24.88 -7.61 12.79
C ARG D 111 25.50 -6.35 12.19
N GLY D 112 25.86 -6.40 10.91
CA GLY D 112 26.42 -5.25 10.22
C GLY D 112 26.71 -5.51 8.76
N ALA D 113 25.83 -5.01 7.89
CA ALA D 113 25.96 -5.25 6.45
C ALA D 113 26.04 -3.96 5.64
N LYS D 114 25.45 -3.97 4.44
CA LYS D 114 25.53 -2.83 3.54
C LYS D 114 24.37 -2.75 2.56
N ASN D 115 23.15 -2.75 3.09
CA ASN D 115 21.95 -2.63 2.26
C ASN D 115 20.88 -1.78 2.92
N TYR D 131 26.16 -0.98 12.17
CA TYR D 131 25.42 -2.11 12.73
C TYR D 131 23.91 -1.91 12.61
N VAL D 132 23.19 -2.99 12.39
CA VAL D 132 21.73 -2.96 12.33
C VAL D 132 21.14 -4.00 13.28
N THR D 133 20.23 -3.56 14.16
CA THR D 133 19.73 -4.41 15.22
C THR D 133 18.34 -4.98 14.93
N LEU D 134 18.12 -6.21 15.38
CA LEU D 134 16.83 -6.88 15.22
C LEU D 134 15.93 -6.66 16.43
N ALA D 135 16.50 -6.78 17.63
CA ALA D 135 15.72 -6.67 18.86
C ALA D 135 16.56 -6.21 20.04
N ILE D 136 15.94 -5.39 20.90
CA ILE D 136 16.57 -4.94 22.14
C ILE D 136 15.69 -5.27 23.35
N PHE D 137 16.27 -5.94 24.33
CA PHE D 137 15.56 -6.26 25.56
C PHE D 137 16.04 -5.37 26.71
N ARG D 138 15.18 -4.46 27.17
CA ARG D 138 15.54 -3.54 28.24
C ARG D 138 14.31 -2.93 28.92
N GLY D 139 14.38 -2.83 30.24
CA GLY D 139 13.34 -2.21 31.03
C GLY D 139 12.00 -2.92 30.97
N GLY D 140 10.93 -2.20 31.28
CA GLY D 140 9.58 -2.74 31.19
C GLY D 140 9.26 -3.83 32.18
N LYS D 141 7.97 -4.11 32.34
CA LYS D 141 7.52 -5.24 33.13
C LYS D 141 7.32 -6.43 32.20
N ARG D 142 7.39 -7.65 32.76
CA ARG D 142 7.27 -8.84 31.94
C ARG D 142 5.90 -8.96 31.25
N GLN D 143 5.88 -9.75 30.18
CA GLN D 143 4.68 -9.99 29.39
C GLN D 143 4.66 -11.48 29.01
N GLU D 144 3.76 -12.25 29.64
CA GLU D 144 3.75 -13.70 29.48
C GLU D 144 3.34 -14.17 28.08
N ARG D 145 2.64 -13.33 27.32
CA ARG D 145 2.22 -13.69 25.97
C ARG D 145 3.40 -13.73 24.99
N TYR D 146 4.51 -13.14 25.37
CA TYR D 146 5.70 -13.10 24.52
C TYR D 146 6.54 -14.37 24.65
N ALA D 147 6.18 -15.23 25.59
CA ALA D 147 7.00 -16.41 25.89
C ALA D 147 6.56 -17.65 25.12
N VAL D 148 7.46 -18.62 25.04
CA VAL D 148 7.16 -19.92 24.43
C VAL D 148 6.13 -20.64 25.29
N PRO D 149 5.03 -21.08 24.68
CA PRO D 149 3.95 -21.75 25.41
C PRO D 149 4.40 -23.07 26.04
N PRO E 4 -26.58 -5.19 5.48
CA PRO E 4 -26.43 -6.08 4.33
C PRO E 4 -25.08 -5.87 3.63
N PHE E 5 -24.85 -4.66 3.15
CA PHE E 5 -23.59 -4.31 2.50
C PHE E 5 -22.99 -3.11 3.21
N THR E 6 -22.90 -3.17 4.55
CA THR E 6 -22.57 -1.99 5.35
C THR E 6 -21.33 -2.16 6.23
N LEU E 8 -17.32 -2.00 7.48
CA LEU E 8 -16.13 -1.17 7.39
C LEU E 8 -14.92 -2.00 7.85
N HIS E 9 -13.73 -1.58 7.45
CA HIS E 9 -12.50 -2.29 7.81
C HIS E 9 -11.41 -1.31 8.21
N ILE E 10 -10.88 -1.47 9.43
CA ILE E 10 -9.82 -0.59 9.91
C ILE E 10 -8.49 -1.31 10.04
N GLU E 11 -7.42 -0.68 9.54
CA GLU E 11 -6.10 -1.30 9.50
C GLU E 11 -5.19 -0.79 10.62
N PHE E 12 -4.67 -1.72 11.42
CA PHE E 12 -3.83 -1.38 12.56
C PHE E 12 -2.37 -1.81 12.40
N ILE E 13 -1.51 -1.22 13.22
CA ILE E 13 -0.20 -1.78 13.49
C ILE E 13 -0.17 -2.15 14.97
N THR E 14 0.13 -3.42 15.26
CA THR E 14 0.01 -3.92 16.62
C THR E 14 1.25 -3.64 17.47
N ASP E 15 1.23 -4.14 18.70
CA ASP E 15 2.36 -3.97 19.61
C ASP E 15 3.56 -4.77 19.13
N LEU E 16 3.29 -5.88 18.42
CA LEU E 16 4.36 -6.69 17.87
C LEU E 16 4.71 -6.26 16.44
N GLY E 17 4.13 -5.14 16.01
CA GLY E 17 4.43 -4.57 14.71
C GLY E 17 3.67 -5.21 13.57
N ALA E 18 2.76 -6.13 13.89
CA ALA E 18 2.02 -6.87 12.87
C ALA E 18 1.00 -6.00 12.14
N LYS E 19 0.63 -6.44 10.94
CA LYS E 19 -0.28 -5.69 10.09
C LYS E 19 -1.67 -6.33 10.10
N VAL E 20 -2.54 -5.85 10.98
CA VAL E 20 -3.83 -6.48 11.22
C VAL E 20 -5.02 -5.57 10.91
N THR E 21 -5.93 -6.06 10.08
CA THR E 21 -7.14 -5.32 9.71
C THR E 21 -8.36 -5.89 10.45
N VAL E 22 -9.14 -5.00 11.07
CA VAL E 22 -10.28 -5.42 11.88
C VAL E 22 -11.62 -5.04 11.26
N ASP E 23 -12.51 -6.01 11.12
CA ASP E 23 -13.84 -5.77 10.56
C ASP E 23 -14.75 -5.03 11.53
N VAL E 24 -15.57 -4.13 10.99
CA VAL E 24 -16.52 -3.36 11.78
C VAL E 24 -17.93 -3.50 11.21
N GLU E 25 -18.90 -3.76 12.08
CA GLU E 25 -20.28 -4.02 11.67
C GLU E 25 -20.91 -2.87 10.90
N SER E 26 -20.74 -1.65 11.39
CA SER E 26 -21.27 -0.46 10.74
C SER E 26 -20.59 0.81 11.25
N ALA E 27 -20.88 1.93 10.60
CA ALA E 27 -20.20 3.19 10.87
C ALA E 27 -20.27 3.69 12.31
N ASP E 28 -21.41 3.47 12.97
CA ASP E 28 -21.60 3.98 14.33
C ASP E 28 -20.93 3.12 15.41
N LYS E 29 -20.19 2.09 14.97
CA LYS E 29 -19.45 1.26 15.91
C LYS E 29 -17.94 1.37 15.68
N LEU E 30 -17.55 2.32 14.84
CA LEU E 30 -16.15 2.50 14.49
C LEU E 30 -15.30 2.99 15.67
N LEU E 31 -15.79 4.03 16.35
CA LEU E 31 -15.06 4.60 17.48
C LEU E 31 -14.90 3.63 18.63
N ASP E 32 -15.92 2.79 18.85
CA ASP E 32 -15.84 1.76 19.88
C ASP E 32 -14.69 0.81 19.60
N VAL E 33 -14.52 0.44 18.34
CA VAL E 33 -13.43 -0.44 17.94
C VAL E 33 -12.08 0.27 18.07
N GLN E 34 -12.05 1.57 17.79
CA GLN E 34 -10.82 2.35 17.90
C GLN E 34 -10.31 2.45 19.35
N ARG E 35 -11.21 2.74 20.28
CA ARG E 35 -10.84 2.82 21.69
C ARG E 35 -10.42 1.44 22.21
N GLN E 36 -11.12 0.41 21.73
CA GLN E 36 -10.91 -0.95 22.17
C GLN E 36 -9.48 -1.43 21.92
N TYR E 37 -9.05 -1.34 20.67
CA TYR E 37 -7.70 -1.76 20.30
C TYR E 37 -6.65 -0.69 20.58
N GLY E 38 -7.12 0.54 20.80
CA GLY E 38 -6.22 1.62 21.15
C GLY E 38 -5.67 1.47 22.55
N ARG E 39 -6.46 0.86 23.43
CA ARG E 39 -6.05 0.62 24.81
C ARG E 39 -4.93 -0.41 24.88
N LEU E 40 -4.81 -1.20 23.82
CA LEU E 40 -3.78 -2.24 23.74
C LEU E 40 -2.47 -1.68 23.18
N GLY E 41 -2.53 -0.46 22.65
CA GLY E 41 -1.34 0.17 22.09
C GLY E 41 -1.30 0.13 20.57
N TRP E 42 -2.36 -0.38 19.96
CA TRP E 42 -2.43 -0.45 18.50
C TRP E 42 -2.72 0.92 17.93
N THR E 43 -2.07 1.24 16.81
CA THR E 43 -2.29 2.53 16.14
C THR E 43 -2.80 2.32 14.72
N SER E 44 -3.43 3.34 14.16
CA SER E 44 -3.92 3.28 12.78
C SER E 44 -3.53 4.53 12.00
N GLY E 45 -2.80 4.33 10.91
CA GLY E 45 -2.32 5.43 10.10
C GLY E 45 -1.04 6.04 10.64
N GLU E 46 -0.65 7.19 10.09
CA GLU E 46 0.55 7.87 10.52
C GLU E 46 0.23 9.14 11.29
N VAL E 47 1.16 9.56 12.14
CA VAL E 47 1.02 10.84 12.83
C VAL E 47 1.30 11.95 11.81
N PRO E 48 0.33 12.84 11.60
CA PRO E 48 0.48 13.93 10.63
C PRO E 48 1.66 14.84 10.99
N VAL E 49 2.35 15.35 9.97
CA VAL E 49 3.50 16.21 10.18
C VAL E 49 3.14 17.45 10.99
N GLY E 50 3.74 17.57 12.17
CA GLY E 50 3.40 18.64 13.09
C GLY E 50 2.41 18.18 14.14
N GLY E 51 2.13 16.88 14.15
CA GLY E 51 1.24 16.29 15.13
C GLY E 51 -0.23 16.48 14.83
N TYR E 52 -1.08 15.73 15.53
CA TYR E 52 -2.53 15.87 15.39
C TYR E 52 -2.97 17.27 15.78
N GLN E 53 -4.12 17.70 15.28
CA GLN E 53 -4.66 19.01 15.63
C GLN E 53 -6.08 18.89 16.16
N PHE E 54 -6.25 19.18 17.45
CA PHE E 54 -7.54 19.06 18.11
C PHE E 54 -8.01 20.42 18.65
N PRO E 55 -9.33 20.57 18.88
CA PRO E 55 -9.86 21.79 19.49
C PRO E 55 -9.27 22.03 20.88
N LEU E 56 -9.15 23.31 21.25
CA LEU E 56 -8.52 23.68 22.51
C LEU E 56 -9.30 23.20 23.73
N GLU E 57 -10.62 23.24 23.65
CA GLU E 57 -11.47 22.86 24.78
C GLU E 57 -11.58 21.34 24.98
N ASN E 58 -10.78 20.59 24.22
CA ASN E 58 -10.77 19.13 24.34
C ASN E 58 -9.57 18.62 25.13
N GLU E 59 -8.77 19.54 25.67
CA GLU E 59 -7.52 19.18 26.34
C GLU E 59 -7.64 18.44 27.68
N PRO E 60 -8.40 18.99 28.65
CA PRO E 60 -8.36 18.38 29.98
C PRO E 60 -8.91 16.95 30.07
N ASP E 61 -9.71 16.52 29.10
CA ASP E 61 -10.28 15.17 29.14
C ASP E 61 -10.28 14.47 27.79
N PHE E 62 -9.13 14.45 27.13
CA PHE E 62 -8.99 13.78 25.84
C PHE E 62 -8.72 12.28 26.01
N ASP E 63 -9.48 11.45 25.30
CA ASP E 63 -9.27 10.01 25.34
C ASP E 63 -8.06 9.64 24.49
N TRP E 64 -6.93 9.43 25.16
CA TRP E 64 -5.67 9.15 24.48
C TRP E 64 -5.64 7.78 23.79
N SER E 65 -6.62 6.94 24.09
CA SER E 65 -6.70 5.62 23.48
C SER E 65 -7.17 5.71 22.03
N LEU E 66 -7.72 6.86 21.66
CA LEU E 66 -8.18 7.09 20.29
C LEU E 66 -7.02 7.11 19.30
N ILE E 67 -5.80 7.27 19.81
CA ILE E 67 -4.61 7.23 18.98
C ILE E 67 -3.54 6.29 19.55
N GLY E 68 -3.97 5.38 20.42
CA GLY E 68 -3.09 4.35 20.96
C GLY E 68 -2.12 4.85 22.01
N ALA E 69 -2.51 5.90 22.73
CA ALA E 69 -1.64 6.48 23.76
C ALA E 69 -2.20 6.26 25.16
N ARG E 70 -1.37 6.52 26.16
CA ARG E 70 -1.77 6.34 27.55
C ARG E 70 -1.00 7.27 28.49
N LYS E 71 -1.68 7.73 29.54
CA LYS E 71 -1.03 8.55 30.56
C LYS E 71 -0.09 7.72 31.41
N TRP E 72 1.04 8.30 31.79
CA TRP E 72 2.02 7.58 32.60
C TRP E 72 2.93 8.52 33.38
N THR E 73 2.97 8.34 34.70
CA THR E 73 3.79 9.18 35.56
C THR E 73 5.07 8.46 36.00
N ASN E 74 6.20 9.13 35.87
CA ASN E 74 7.47 8.63 36.38
C ASN E 74 7.85 9.38 37.66
N PRO E 75 8.96 9.00 38.32
CA PRO E 75 9.30 9.77 39.53
C PRO E 75 9.62 11.22 39.23
N GLU E 79 4.21 13.42 34.96
CA GLU E 79 3.06 12.99 34.17
C GLU E 79 3.35 13.08 32.67
N ILE E 81 2.99 11.21 28.45
CA ILE E 81 2.11 10.53 27.52
C ILE E 81 2.90 9.51 26.71
N LEU E 82 2.55 8.24 26.84
CA LEU E 82 3.27 7.19 26.13
C LEU E 82 2.64 6.86 24.77
N HIS E 83 3.45 6.94 23.73
CA HIS E 83 3.01 6.60 22.38
C HIS E 83 4.13 5.90 21.63
N ARG E 84 4.08 4.56 21.63
CA ARG E 84 5.03 3.69 20.93
C ARG E 84 6.44 3.69 21.51
N GLY E 85 6.56 3.46 22.81
CA GLY E 85 7.86 3.45 23.47
C GLY E 85 8.53 4.81 23.42
N HIS E 86 7.72 5.83 23.22
CA HIS E 86 8.17 7.22 23.26
C HIS E 86 7.40 7.94 24.35
N ALA E 87 8.03 8.93 24.96
CA ALA E 87 7.41 9.70 26.03
C ALA E 87 7.34 11.17 25.66
N TYR E 88 6.15 11.75 25.78
CA TYR E 88 5.94 13.14 25.41
C TYR E 88 5.63 14.00 26.63
N ARG E 89 6.29 15.15 26.73
CA ARG E 89 6.09 16.04 27.87
C ARG E 89 5.09 17.15 27.53
N ARG E 90 4.45 17.69 28.56
CA ARG E 90 3.42 18.70 28.38
C ARG E 90 4.00 20.12 28.35
N ARG E 91 3.49 20.95 27.44
CA ARG E 91 3.95 22.32 27.33
C ARG E 91 2.78 23.29 27.15
N GLU E 92 2.91 24.47 27.76
CA GLU E 92 1.90 25.52 27.62
C GLU E 92 2.43 26.74 26.85
N LEU E 93 1.52 27.51 26.26
CA LEU E 93 1.89 28.69 25.50
C LEU E 93 0.89 29.82 25.76
N GLU E 94 1.37 31.06 25.70
CA GLU E 94 0.53 32.24 25.92
C GLU E 94 0.91 33.44 25.06
N PRO E 104 -2.88 32.50 20.42
CA PRO E 104 -3.86 32.04 21.41
C PRO E 104 -3.26 31.05 22.40
N ALA E 105 -3.97 30.83 23.51
CA ALA E 105 -3.55 29.84 24.50
C ALA E 105 -3.61 28.43 23.92
N ALA E 106 -2.45 27.77 23.86
CA ALA E 106 -2.37 26.46 23.25
C ALA E 106 -1.52 25.49 24.08
N VAL E 107 -1.98 24.25 24.18
CA VAL E 107 -1.26 23.22 24.93
C VAL E 107 -0.67 22.18 23.99
N LYS E 108 0.63 21.94 24.10
CA LYS E 108 1.31 21.02 23.20
C LYS E 108 2.03 19.89 23.95
N TYR E 109 2.15 18.75 23.29
CA TYR E 109 2.86 17.60 23.84
C TYR E 109 4.10 17.29 23.01
N SER E 110 5.28 17.50 23.60
CA SER E 110 6.54 17.43 22.86
C SER E 110 7.53 16.45 23.46
N ARG E 111 8.55 16.09 22.66
CA ARG E 111 9.64 15.24 23.14
C ARG E 111 10.97 15.65 22.51
N GLY E 112 11.99 14.82 22.71
CA GLY E 112 13.32 15.10 22.18
C GLY E 112 13.43 14.84 20.69
N TYR E 131 12.83 19.06 17.90
CA TYR E 131 11.60 18.72 18.59
C TYR E 131 10.55 18.14 17.65
N VAL E 132 9.89 17.07 18.09
CA VAL E 132 8.82 16.45 17.31
C VAL E 132 7.56 16.33 18.16
N THR E 133 6.44 16.83 17.63
CA THR E 133 5.21 16.92 18.39
C THR E 133 4.22 15.78 18.11
N LEU E 134 3.49 15.38 19.14
CA LEU E 134 2.48 14.34 19.01
C LEU E 134 1.10 14.94 18.77
N ALA E 135 0.80 16.02 19.49
CA ALA E 135 -0.50 16.66 19.38
C ALA E 135 -0.47 18.14 19.79
N ILE E 136 -1.23 18.96 19.06
CA ILE E 136 -1.40 20.36 19.38
C ILE E 136 -2.88 20.68 19.58
N PHE E 137 -3.20 21.34 20.70
CA PHE E 137 -4.58 21.66 21.03
C PHE E 137 -4.78 23.18 20.96
N ARG E 138 -5.48 23.65 19.93
CA ARG E 138 -5.68 25.09 19.75
C ARG E 138 -6.89 25.40 18.87
N GLY E 139 -7.63 26.44 19.26
CA GLY E 139 -8.79 26.91 18.50
C GLY E 139 -9.89 25.87 18.39
N GLY E 140 -10.75 26.04 17.38
CA GLY E 140 -11.81 25.09 17.11
C GLY E 140 -12.91 25.03 18.15
N LYS E 141 -14.02 24.41 17.78
CA LYS E 141 -15.12 24.17 18.72
C LYS E 141 -15.01 22.76 19.28
N ARG E 142 -15.45 22.57 20.52
CA ARG E 142 -15.32 21.28 21.19
C ARG E 142 -16.08 20.17 20.48
N GLN E 143 -15.47 18.98 20.46
CA GLN E 143 -16.10 17.80 19.87
C GLN E 143 -16.26 16.71 20.92
N GLU E 144 -17.50 16.26 21.12
CA GLU E 144 -17.87 15.37 22.20
C GLU E 144 -17.24 13.97 22.13
N ARG E 145 -17.15 13.42 20.92
CA ARG E 145 -16.69 12.06 20.71
C ARG E 145 -15.22 11.87 21.08
N TYR E 146 -14.51 12.98 21.27
CA TYR E 146 -13.09 12.92 21.57
C TYR E 146 -12.83 12.75 23.06
N ALA E 147 -13.87 12.92 23.87
CA ALA E 147 -13.73 12.85 25.31
C ALA E 147 -13.84 11.43 25.85
N VAL E 148 -13.26 11.20 27.03
CA VAL E 148 -13.40 9.93 27.71
C VAL E 148 -14.86 9.74 28.09
N PRO E 149 -15.47 8.62 27.66
CA PRO E 149 -16.89 8.34 27.88
C PRO E 149 -17.28 8.42 29.35
N GLY E 150 -18.26 9.26 29.66
CA GLY E 150 -18.72 9.43 31.02
C GLY E 150 -19.59 10.66 31.20
#